data_2ECO
#
_entry.id   2ECO
#
_cell.length_a   104.600
_cell.length_b   104.600
_cell.length_c   79.899
_cell.angle_alpha   90.00
_cell.angle_beta   90.00
_cell.angle_gamma   120.00
#
_symmetry.space_group_name_H-M   'P 31 2 1'
#
loop_
_entity.id
_entity.type
_entity.pdbx_description
1 polymer 'O-acetylserine (Thiol)-lyase'
2 non-polymer "PYRIDOXAL-5'-PHOSPHATE"
3 non-polymer '4-METHYL VALERIC ACID'
4 water water
#
_entity_poly.entity_id   1
_entity_poly.type   'polypeptide(L)'
_entity_poly.pdbx_seq_one_letter_code
;MRVEGAIGKTPVVRLAKVVEPDMAEVWVKLEGLNPGGSIKDRPAWYMIKDAEERGILRPGSGQVIVEPTSGNTGIGLAMI
AASRGYRLILTMPAQMSEERKRVLKAFGAELVLTDPERRMLAAREEALRLKEELGAFMPDQFKNPANVRAHYETTGPELY
EALEGRIDAFVYGSGTGGTITGVGRYLKERIPHVKVIAVEPARSNVLSGGKMGQHGFQGMGPGFIPENLDLSLLDGVIQV
WEEDAFPLARRLAREEGLFLGMSSGGIVWAALQVARELGPGKRVACISPDGGWKYLSTPLYAEP
;
_entity_poly.pdbx_strand_id   A
#
# COMPACT_ATOMS: atom_id res chain seq x y z
N MET A 1 5.75 -15.55 -20.12
CA MET A 1 5.23 -14.50 -19.19
C MET A 1 6.38 -13.83 -18.48
N ARG A 2 6.25 -12.53 -18.22
CA ARG A 2 7.30 -11.80 -17.52
C ARG A 2 6.86 -11.50 -16.10
N VAL A 3 7.78 -11.00 -15.27
CA VAL A 3 7.47 -10.74 -13.88
C VAL A 3 6.19 -9.92 -13.64
N GLU A 4 5.94 -8.94 -14.49
CA GLU A 4 4.74 -8.12 -14.33
C GLU A 4 3.49 -8.98 -14.41
N GLY A 5 3.59 -10.10 -15.13
CA GLY A 5 2.45 -11.00 -15.23
C GLY A 5 2.25 -11.85 -13.99
N ALA A 6 3.23 -11.83 -13.10
CA ALA A 6 3.16 -12.61 -11.87
C ALA A 6 2.53 -11.82 -10.72
N ILE A 7 2.10 -10.59 -11.02
CA ILE A 7 1.48 -9.74 -10.03
C ILE A 7 0.00 -10.06 -9.87
N GLY A 8 -0.49 -10.02 -8.63
CA GLY A 8 -1.90 -10.26 -8.38
C GLY A 8 -2.33 -11.67 -8.04
N LYS A 9 -3.65 -11.88 -8.02
CA LYS A 9 -4.23 -13.18 -7.71
C LYS A 9 -3.68 -13.69 -6.38
N THR A 10 -3.59 -12.80 -5.40
CA THR A 10 -3.08 -13.15 -4.08
C THR A 10 -4.15 -13.84 -3.25
N PRO A 11 -3.75 -14.70 -2.31
CA PRO A 11 -4.70 -15.42 -1.46
C PRO A 11 -5.27 -14.61 -0.30
N VAL A 12 -6.38 -15.10 0.24
CA VAL A 12 -7.03 -14.47 1.37
C VAL A 12 -7.16 -15.55 2.44
N VAL A 13 -6.72 -15.24 3.66
CA VAL A 13 -6.78 -16.18 4.75
C VAL A 13 -7.70 -15.69 5.87
N ARG A 14 -8.33 -16.62 6.58
CA ARG A 14 -9.21 -16.25 7.68
C ARG A 14 -8.51 -16.45 9.01
N LEU A 15 -8.50 -15.41 9.84
CA LEU A 15 -7.85 -15.49 11.14
C LEU A 15 -8.63 -16.47 12.01
N ALA A 16 -7.91 -17.19 12.87
CA ALA A 16 -8.55 -18.19 13.72
C ALA A 16 -8.12 -18.17 15.18
N LYS A 17 -7.03 -17.49 15.49
CA LYS A 17 -6.55 -17.43 16.86
C LYS A 17 -6.63 -16.08 17.54
N VAL A 18 -6.32 -15.00 16.81
CA VAL A 18 -6.38 -13.66 17.40
C VAL A 18 -7.81 -13.13 17.48
N VAL A 19 -8.74 -13.83 16.84
CA VAL A 19 -10.13 -13.41 16.87
C VAL A 19 -10.87 -14.12 18.00
N GLU A 20 -12.04 -13.60 18.35
CA GLU A 20 -12.86 -14.17 19.40
C GLU A 20 -14.25 -14.53 18.87
N PRO A 21 -14.92 -15.50 19.52
CA PRO A 21 -16.25 -15.96 19.13
C PRO A 21 -17.30 -14.88 18.92
N ASP A 22 -17.18 -13.77 19.64
CA ASP A 22 -18.14 -12.67 19.53
C ASP A 22 -17.78 -11.72 18.37
N MET A 23 -16.80 -12.11 17.57
CA MET A 23 -16.38 -11.29 16.44
C MET A 23 -16.87 -11.84 15.12
N ALA A 24 -16.98 -10.95 14.14
CA ALA A 24 -17.38 -11.34 12.80
C ALA A 24 -16.13 -12.03 12.24
N GLU A 25 -16.25 -12.71 11.11
CA GLU A 25 -15.08 -13.36 10.53
C GLU A 25 -14.14 -12.26 10.08
N VAL A 26 -12.84 -12.56 10.08
CA VAL A 26 -11.85 -11.57 9.64
C VAL A 26 -10.96 -12.23 8.61
N TRP A 27 -11.03 -11.74 7.38
CA TRP A 27 -10.24 -12.26 6.29
C TRP A 27 -9.14 -11.27 5.91
N VAL A 28 -7.96 -11.78 5.59
CA VAL A 28 -6.83 -10.93 5.23
C VAL A 28 -6.24 -11.34 3.89
N LYS A 29 -6.20 -10.39 2.96
CA LYS A 29 -5.65 -10.63 1.63
C LYS A 29 -4.15 -10.33 1.73
N LEU A 30 -3.33 -11.32 1.38
CA LEU A 30 -1.87 -11.20 1.50
C LEU A 30 -1.17 -10.63 0.26
N GLU A 31 -1.03 -9.31 0.23
CA GLU A 31 -0.39 -8.65 -0.91
C GLU A 31 1.13 -8.74 -0.87
N GLY A 32 1.66 -9.30 0.21
CA GLY A 32 3.09 -9.46 0.32
C GLY A 32 3.57 -10.56 -0.59
N LEU A 33 2.64 -11.38 -1.10
CA LEU A 33 3.01 -12.48 -1.98
C LEU A 33 3.08 -12.04 -3.44
N ASN A 34 3.50 -10.81 -3.66
CA ASN A 34 3.66 -10.29 -5.01
C ASN A 34 5.16 -10.30 -5.29
N PRO A 35 5.55 -10.38 -6.59
CA PRO A 35 6.96 -10.42 -6.95
C PRO A 35 7.80 -9.26 -6.42
N GLY A 36 7.15 -8.11 -6.21
CA GLY A 36 7.85 -6.95 -5.70
C GLY A 36 7.78 -6.90 -4.18
N GLY A 37 7.08 -7.87 -3.60
CA GLY A 37 6.96 -7.96 -2.16
C GLY A 37 5.84 -7.14 -1.51
N SER A 38 5.01 -6.47 -2.30
CA SER A 38 3.94 -5.68 -1.70
C SER A 38 2.81 -5.35 -2.66
N ILE A 39 1.75 -4.78 -2.11
CA ILE A 39 0.59 -4.37 -2.88
C ILE A 39 0.95 -3.31 -3.93
N LYS A 40 2.04 -2.59 -3.71
CA LYS A 40 2.45 -1.55 -4.66
C LYS A 40 2.82 -2.06 -6.04
N ASP A 41 2.99 -3.37 -6.18
CA ASP A 41 3.29 -3.96 -7.49
C ASP A 41 2.16 -3.58 -8.45
N ARG A 42 0.94 -3.58 -7.94
CA ARG A 42 -0.24 -3.27 -8.76
C ARG A 42 -0.25 -1.84 -9.32
N PRO A 43 -0.20 -0.82 -8.45
CA PRO A 43 -0.20 0.55 -8.99
C PRO A 43 1.05 0.88 -9.79
N ALA A 44 2.17 0.25 -9.43
CA ALA A 44 3.42 0.50 -10.14
C ALA A 44 3.29 0.04 -11.59
N TRP A 45 2.77 -1.17 -11.77
CA TRP A 45 2.57 -1.72 -13.10
C TRP A 45 1.49 -0.93 -13.84
N TYR A 46 0.37 -0.66 -13.17
CA TYR A 46 -0.71 0.08 -13.80
C TYR A 46 -0.32 1.48 -14.26
N MET A 47 0.44 2.20 -13.46
CA MET A 47 0.84 3.54 -13.86
C MET A 47 1.77 3.51 -15.08
N ILE A 48 2.66 2.52 -15.12
CA ILE A 48 3.56 2.40 -16.26
C ILE A 48 2.78 1.89 -17.48
N LYS A 49 1.93 0.89 -17.28
CA LYS A 49 1.15 0.35 -18.40
C LYS A 49 0.23 1.43 -18.96
N ASP A 50 -0.35 2.24 -18.08
CA ASP A 50 -1.24 3.31 -18.51
C ASP A 50 -0.46 4.33 -19.34
N ALA A 51 0.78 4.60 -18.94
CA ALA A 51 1.64 5.54 -19.64
C ALA A 51 2.01 5.02 -21.02
N GLU A 52 2.13 3.70 -21.15
CA GLU A 52 2.45 3.10 -22.44
C GLU A 52 1.23 3.21 -23.33
N GLU A 53 0.05 2.94 -22.76
CA GLU A 53 -1.20 3.01 -23.51
C GLU A 53 -1.49 4.42 -24.03
N ARG A 54 -1.15 5.42 -23.24
CA ARG A 54 -1.37 6.81 -23.63
C ARG A 54 -0.28 7.32 -24.57
N GLY A 55 0.74 6.51 -24.81
CA GLY A 55 1.79 6.91 -25.73
C GLY A 55 2.94 7.68 -25.11
N ILE A 56 2.88 7.89 -23.80
CA ILE A 56 3.95 8.59 -23.11
C ILE A 56 5.21 7.73 -23.15
N LEU A 57 5.04 6.44 -22.96
CA LEU A 57 6.15 5.49 -22.95
C LEU A 57 5.96 4.37 -23.96
N ARG A 58 7.07 3.69 -24.26
CA ARG A 58 7.10 2.53 -25.15
C ARG A 58 8.17 1.67 -24.47
N PRO A 59 7.85 0.42 -24.12
CA PRO A 59 8.82 -0.45 -23.45
C PRO A 59 10.08 -0.77 -24.25
N GLY A 60 11.21 -0.92 -23.55
CA GLY A 60 12.47 -1.24 -24.19
C GLY A 60 13.14 -0.01 -24.80
N SER A 61 12.57 1.15 -24.51
CA SER A 61 13.06 2.42 -25.04
C SER A 61 14.19 3.04 -24.23
N GLY A 62 14.30 2.66 -22.96
CA GLY A 62 15.33 3.24 -22.11
C GLY A 62 14.88 4.60 -21.61
N GLN A 63 13.61 4.92 -21.85
CA GLN A 63 13.07 6.21 -21.40
C GLN A 63 13.20 6.35 -19.89
N VAL A 64 13.29 7.59 -19.43
CA VAL A 64 13.46 7.87 -18.02
C VAL A 64 12.16 8.05 -17.26
N ILE A 65 12.11 7.42 -16.08
CA ILE A 65 10.98 7.51 -15.17
C ILE A 65 11.56 8.03 -13.86
N VAL A 66 10.87 8.99 -13.23
CA VAL A 66 11.37 9.52 -11.97
C VAL A 66 10.22 9.64 -10.97
N GLU A 67 10.47 9.23 -9.73
CA GLU A 67 9.45 9.29 -8.69
C GLU A 67 10.10 9.51 -7.33
N PRO A 68 9.53 10.42 -6.52
CA PRO A 68 10.08 10.68 -5.19
C PRO A 68 9.56 9.65 -4.20
N THR A 69 10.28 8.55 -4.04
CA THR A 69 9.88 7.49 -3.12
C THR A 69 10.98 6.46 -2.94
N SER A 70 11.04 5.91 -1.73
CA SER A 70 12.02 4.88 -1.40
C SER A 70 11.25 3.73 -0.76
N GLY A 71 9.93 3.86 -0.71
CA GLY A 71 9.09 2.83 -0.13
C GLY A 71 8.74 1.72 -1.10
N ASN A 72 7.65 1.00 -0.81
CA ASN A 72 7.23 -0.10 -1.67
C ASN A 72 6.97 0.34 -3.11
N THR A 73 6.51 1.56 -3.31
CA THR A 73 6.25 2.04 -4.66
C THR A 73 7.58 2.09 -5.43
N GLY A 74 8.64 2.50 -4.75
CA GLY A 74 9.95 2.56 -5.39
C GLY A 74 10.39 1.17 -5.82
N ILE A 75 10.13 0.18 -4.96
CA ILE A 75 10.50 -1.20 -5.26
C ILE A 75 9.68 -1.73 -6.43
N GLY A 76 8.38 -1.48 -6.40
CA GLY A 76 7.52 -1.93 -7.49
C GLY A 76 7.92 -1.30 -8.80
N LEU A 77 8.17 0.01 -8.78
CA LEU A 77 8.58 0.70 -10.00
C LEU A 77 9.93 0.19 -10.51
N ALA A 78 10.85 -0.06 -9.58
CA ALA A 78 12.17 -0.55 -9.95
C ALA A 78 12.05 -1.90 -10.65
N MET A 79 11.21 -2.77 -10.11
CA MET A 79 11.00 -4.09 -10.68
C MET A 79 10.47 -3.99 -12.11
N ILE A 80 9.43 -3.18 -12.30
CA ILE A 80 8.82 -3.01 -13.62
C ILE A 80 9.78 -2.34 -14.61
N ALA A 81 10.50 -1.32 -14.14
CA ALA A 81 11.44 -0.61 -15.01
C ALA A 81 12.56 -1.56 -15.47
N ALA A 82 12.96 -2.46 -14.58
CA ALA A 82 14.02 -3.41 -14.91
C ALA A 82 13.49 -4.37 -15.98
N SER A 83 12.28 -4.87 -15.78
CA SER A 83 11.67 -5.80 -16.71
C SER A 83 11.32 -5.20 -18.07
N ARG A 84 10.82 -3.97 -18.08
CA ARG A 84 10.42 -3.37 -19.34
C ARG A 84 11.40 -2.42 -20.00
N GLY A 85 12.61 -2.35 -19.46
CA GLY A 85 13.65 -1.52 -20.05
C GLY A 85 13.59 -0.01 -19.93
N TYR A 86 13.22 0.50 -18.76
CA TYR A 86 13.19 1.94 -18.56
C TYR A 86 14.29 2.30 -17.56
N ARG A 87 14.76 3.54 -17.64
CA ARG A 87 15.78 4.03 -16.72
C ARG A 87 15.00 4.67 -15.56
N LEU A 88 15.12 4.11 -14.36
CA LEU A 88 14.40 4.64 -13.22
C LEU A 88 15.28 5.42 -12.26
N ILE A 89 14.81 6.61 -11.88
CA ILE A 89 15.52 7.45 -10.92
C ILE A 89 14.56 7.69 -9.77
N LEU A 90 15.01 7.36 -8.56
CA LEU A 90 14.19 7.55 -7.37
C LEU A 90 14.86 8.57 -6.46
N THR A 91 14.10 9.56 -6.00
CA THR A 91 14.66 10.57 -5.11
C THR A 91 14.17 10.25 -3.70
N MET A 92 15.03 10.48 -2.71
CA MET A 92 14.68 10.17 -1.33
C MET A 92 15.67 10.82 -0.35
N PRO A 93 15.22 11.06 0.88
CA PRO A 93 16.08 11.68 1.90
C PRO A 93 17.37 10.86 2.09
N ALA A 94 18.48 11.54 2.31
CA ALA A 94 19.77 10.89 2.49
C ALA A 94 19.85 9.96 3.69
N GLN A 95 18.92 10.09 4.61
CA GLN A 95 18.92 9.24 5.81
C GLN A 95 18.35 7.85 5.56
N MET A 96 18.14 7.50 4.29
CA MET A 96 17.59 6.19 3.94
C MET A 96 18.46 5.04 4.44
N SER A 97 17.82 3.95 4.84
CA SER A 97 18.55 2.79 5.34
C SER A 97 19.29 2.07 4.21
N GLU A 98 20.46 1.54 4.53
CA GLU A 98 21.27 0.83 3.55
C GLU A 98 20.53 -0.37 2.98
N GLU A 99 19.72 -1.01 3.83
CA GLU A 99 18.95 -2.18 3.42
C GLU A 99 18.05 -1.84 2.23
N ARG A 100 17.22 -0.81 2.39
CA ARG A 100 16.33 -0.39 1.33
C ARG A 100 17.09 0.05 0.08
N LYS A 101 18.13 0.84 0.28
CA LYS A 101 18.94 1.30 -0.85
C LYS A 101 19.48 0.11 -1.62
N ARG A 102 19.85 -0.95 -0.92
CA ARG A 102 20.39 -2.14 -1.57
C ARG A 102 19.35 -2.83 -2.45
N VAL A 103 18.11 -2.90 -1.97
CA VAL A 103 17.04 -3.53 -2.73
C VAL A 103 16.78 -2.74 -4.00
N LEU A 104 16.65 -1.43 -3.87
CA LEU A 104 16.40 -0.57 -5.03
C LEU A 104 17.52 -0.68 -6.06
N LYS A 105 18.77 -0.60 -5.60
CA LYS A 105 19.90 -0.70 -6.52
C LYS A 105 20.01 -2.08 -7.15
N ALA A 106 19.51 -3.10 -6.46
CA ALA A 106 19.54 -4.46 -7.00
C ALA A 106 18.73 -4.48 -8.30
N PHE A 107 17.63 -3.75 -8.30
CA PHE A 107 16.76 -3.66 -9.47
C PHE A 107 17.30 -2.68 -10.52
N GLY A 108 18.44 -2.08 -10.25
CA GLY A 108 19.03 -1.15 -11.19
C GLY A 108 18.50 0.28 -11.13
N ALA A 109 17.74 0.61 -10.09
CA ALA A 109 17.23 1.96 -9.95
C ALA A 109 18.38 2.89 -9.56
N GLU A 110 18.35 4.12 -10.07
CA GLU A 110 19.37 5.11 -9.74
C GLU A 110 18.77 5.90 -8.59
N LEU A 111 19.56 6.10 -7.54
CA LEU A 111 19.07 6.83 -6.36
C LEU A 111 19.70 8.21 -6.23
N VAL A 112 18.86 9.19 -5.91
CA VAL A 112 19.32 10.55 -5.69
C VAL A 112 18.95 10.89 -4.25
N LEU A 113 19.95 11.02 -3.39
CA LEU A 113 19.74 11.32 -1.98
C LEU A 113 19.68 12.82 -1.77
N THR A 114 18.56 13.29 -1.23
CA THR A 114 18.36 14.71 -1.01
C THR A 114 18.46 15.16 0.45
N ASP A 115 18.48 16.47 0.65
CA ASP A 115 18.60 17.08 1.98
C ASP A 115 17.80 16.34 3.05
N PRO A 116 18.51 15.65 3.97
CA PRO A 116 17.88 14.90 5.05
C PRO A 116 16.99 15.73 5.98
N GLU A 117 17.26 17.03 6.06
CA GLU A 117 16.48 17.90 6.92
C GLU A 117 15.19 18.37 6.26
N ARG A 118 15.14 18.31 4.93
CA ARG A 118 13.95 18.72 4.20
C ARG A 118 13.00 17.57 3.90
N ARG A 119 13.23 16.45 4.58
CA ARG A 119 12.40 15.25 4.43
C ARG A 119 11.89 15.01 3.00
N MET A 120 10.58 14.79 2.88
CA MET A 120 9.97 14.55 1.57
C MET A 120 9.97 15.73 0.63
N LEU A 121 9.98 16.94 1.18
CA LEU A 121 9.96 18.14 0.36
C LEU A 121 11.13 18.19 -0.62
N ALA A 122 12.35 17.96 -0.15
CA ALA A 122 13.52 18.01 -1.01
C ALA A 122 13.46 16.89 -2.05
N ALA A 123 12.91 15.74 -1.67
CA ALA A 123 12.79 14.62 -2.59
C ALA A 123 11.83 14.99 -3.71
N ARG A 124 10.69 15.58 -3.36
CA ARG A 124 9.70 15.99 -4.36
C ARG A 124 10.31 17.02 -5.31
N GLU A 125 11.03 17.99 -4.75
CA GLU A 125 11.64 19.03 -5.58
C GLU A 125 12.66 18.48 -6.57
N GLU A 126 13.48 17.54 -6.13
CA GLU A 126 14.48 16.98 -7.04
C GLU A 126 13.82 16.18 -8.14
N ALA A 127 12.73 15.48 -7.82
CA ALA A 127 12.01 14.69 -8.81
C ALA A 127 11.40 15.60 -9.87
N LEU A 128 10.85 16.73 -9.43
CA LEU A 128 10.26 17.69 -10.35
C LEU A 128 11.34 18.29 -11.23
N ARG A 129 12.49 18.59 -10.64
CA ARG A 129 13.61 19.17 -11.38
C ARG A 129 14.07 18.21 -12.48
N LEU A 130 14.18 16.93 -12.16
CA LEU A 130 14.59 15.93 -13.13
C LEU A 130 13.54 15.73 -14.21
N LYS A 131 12.27 15.74 -13.81
CA LYS A 131 11.20 15.59 -14.79
C LYS A 131 11.32 16.71 -15.82
N GLU A 132 11.55 17.92 -15.32
CA GLU A 132 11.69 19.10 -16.17
C GLU A 132 12.94 19.03 -17.03
N GLU A 133 14.09 18.80 -16.38
CA GLU A 133 15.36 18.73 -17.09
C GLU A 133 15.44 17.61 -18.13
N LEU A 134 14.92 16.44 -17.79
CA LEU A 134 14.98 15.29 -18.69
C LEU A 134 13.73 14.97 -19.49
N GLY A 135 12.64 15.69 -19.25
CA GLY A 135 11.42 15.39 -19.97
C GLY A 135 11.00 13.97 -19.60
N ALA A 136 11.29 13.60 -18.35
CA ALA A 136 10.98 12.26 -17.86
C ALA A 136 9.51 12.08 -17.46
N PHE A 137 9.12 10.83 -17.28
CA PHE A 137 7.77 10.50 -16.87
C PHE A 137 7.75 10.30 -15.36
N MET A 138 6.84 10.99 -14.67
CA MET A 138 6.73 10.85 -13.24
C MET A 138 5.37 10.24 -12.91
N PRO A 139 5.38 8.99 -12.42
CA PRO A 139 4.13 8.29 -12.07
C PRO A 139 3.18 9.17 -11.25
N ASP A 140 3.71 9.89 -10.26
CA ASP A 140 2.88 10.78 -9.43
C ASP A 140 1.83 9.93 -8.71
N GLN A 141 2.30 8.98 -7.92
CA GLN A 141 1.45 8.02 -7.21
C GLN A 141 0.27 8.55 -6.39
N PHE A 142 0.39 9.74 -5.82
CA PHE A 142 -0.70 10.25 -5.00
C PHE A 142 -1.88 10.83 -5.77
N LYS A 143 -1.69 11.11 -7.06
CA LYS A 143 -2.76 11.69 -7.86
C LYS A 143 -3.06 11.01 -9.20
N ASN A 144 -2.26 10.01 -9.56
CA ASN A 144 -2.46 9.31 -10.82
C ASN A 144 -3.66 8.35 -10.70
N PRO A 145 -4.72 8.57 -11.50
CA PRO A 145 -5.93 7.74 -11.49
C PRO A 145 -5.69 6.26 -11.81
N ALA A 146 -4.59 5.96 -12.49
CA ALA A 146 -4.28 4.58 -12.85
C ALA A 146 -3.98 3.78 -11.58
N ASN A 147 -3.55 4.46 -10.53
CA ASN A 147 -3.24 3.84 -9.24
C ASN A 147 -4.57 3.23 -8.75
N VAL A 148 -5.58 4.09 -8.64
CA VAL A 148 -6.92 3.67 -8.21
C VAL A 148 -7.47 2.58 -9.12
N ARG A 149 -7.32 2.76 -10.44
CA ARG A 149 -7.85 1.79 -11.39
C ARG A 149 -7.26 0.40 -11.24
N ALA A 150 -6.00 0.32 -10.80
CA ALA A 150 -5.37 -0.98 -10.61
C ALA A 150 -6.19 -1.80 -9.61
N HIS A 151 -6.62 -1.15 -8.53
CA HIS A 151 -7.39 -1.82 -7.49
C HIS A 151 -8.85 -2.01 -7.86
N TYR A 152 -9.38 -1.11 -8.67
CA TYR A 152 -10.77 -1.21 -9.11
C TYR A 152 -10.90 -2.39 -10.06
N GLU A 153 -9.85 -2.66 -10.84
CA GLU A 153 -9.87 -3.73 -11.84
C GLU A 153 -9.29 -5.08 -11.41
N THR A 154 -8.42 -5.09 -10.39
CA THR A 154 -7.84 -6.36 -10.00
C THR A 154 -8.04 -6.71 -8.52
N THR A 155 -7.52 -5.87 -7.64
CA THR A 155 -7.64 -6.12 -6.20
C THR A 155 -9.09 -6.29 -5.74
N GLY A 156 -9.96 -5.37 -6.18
CA GLY A 156 -11.36 -5.44 -5.79
C GLY A 156 -12.04 -6.71 -6.27
N PRO A 157 -12.02 -6.98 -7.58
CA PRO A 157 -12.65 -8.18 -8.14
C PRO A 157 -12.16 -9.46 -7.45
N GLU A 158 -10.86 -9.54 -7.21
CA GLU A 158 -10.27 -10.71 -6.56
C GLU A 158 -10.85 -10.94 -5.17
N LEU A 159 -10.89 -9.88 -4.37
CA LEU A 159 -11.39 -9.96 -3.00
C LEU A 159 -12.87 -10.33 -3.01
N TYR A 160 -13.64 -9.66 -3.84
CA TYR A 160 -15.07 -9.91 -3.97
C TYR A 160 -15.32 -11.37 -4.30
N GLU A 161 -14.65 -11.86 -5.35
CA GLU A 161 -14.80 -13.23 -5.80
C GLU A 161 -14.37 -14.26 -4.76
N ALA A 162 -13.21 -14.05 -4.14
CA ALA A 162 -12.70 -14.97 -3.13
C ALA A 162 -13.66 -15.12 -1.94
N LEU A 163 -14.31 -14.02 -1.57
CA LEU A 163 -15.25 -14.03 -0.45
C LEU A 163 -16.70 -14.21 -0.90
N GLU A 164 -16.87 -14.63 -2.15
CA GLU A 164 -18.17 -14.89 -2.74
C GLU A 164 -19.19 -13.76 -2.58
N GLY A 165 -18.75 -12.53 -2.73
CA GLY A 165 -19.64 -11.38 -2.63
C GLY A 165 -20.18 -11.12 -1.23
N ARG A 166 -19.71 -11.88 -0.25
CA ARG A 166 -20.18 -11.72 1.12
C ARG A 166 -19.16 -10.94 1.97
N ILE A 167 -19.33 -9.62 2.01
CA ILE A 167 -18.45 -8.75 2.78
C ILE A 167 -19.29 -7.65 3.40
N ASP A 168 -19.21 -7.52 4.71
CA ASP A 168 -19.99 -6.51 5.42
C ASP A 168 -19.19 -5.24 5.65
N ALA A 169 -17.87 -5.37 5.68
CA ALA A 169 -17.02 -4.21 5.88
C ALA A 169 -15.62 -4.45 5.30
N PHE A 170 -15.05 -3.41 4.74
CA PHE A 170 -13.72 -3.45 4.16
C PHE A 170 -12.87 -2.45 4.95
N VAL A 171 -11.76 -2.92 5.50
CA VAL A 171 -10.88 -2.09 6.32
C VAL A 171 -9.48 -2.00 5.73
N TYR A 172 -8.96 -0.77 5.61
CA TYR A 172 -7.63 -0.58 5.03
C TYR A 172 -6.87 0.64 5.54
N GLY A 173 -5.56 0.49 5.71
CA GLY A 173 -4.71 1.58 6.17
C GLY A 173 -4.25 2.34 4.95
N SER A 174 -4.87 3.50 4.71
CA SER A 174 -4.57 4.30 3.53
C SER A 174 -3.23 4.99 3.44
N GLY A 175 -2.64 4.93 2.25
CA GLY A 175 -1.37 5.57 1.98
C GLY A 175 -1.62 6.56 0.85
N THR A 176 -1.57 6.09 -0.40
CA THR A 176 -1.84 6.96 -1.55
C THR A 176 -3.35 7.11 -1.73
N GLY A 177 -4.10 6.20 -1.11
CA GLY A 177 -5.55 6.24 -1.24
C GLY A 177 -6.05 5.36 -2.36
N GLY A 178 -5.14 4.87 -3.20
CA GLY A 178 -5.52 4.04 -4.32
C GLY A 178 -6.30 2.78 -4.00
N THR A 179 -5.82 2.01 -3.03
CA THR A 179 -6.47 0.75 -2.64
C THR A 179 -7.88 0.91 -2.08
N ILE A 180 -8.03 1.75 -1.07
CA ILE A 180 -9.33 1.92 -0.46
C ILE A 180 -10.34 2.52 -1.44
N THR A 181 -9.88 3.39 -2.32
CA THR A 181 -10.78 4.01 -3.30
C THR A 181 -11.19 2.99 -4.38
N GLY A 182 -10.21 2.30 -4.93
CA GLY A 182 -10.49 1.31 -5.97
C GLY A 182 -11.31 0.14 -5.47
N VAL A 183 -10.86 -0.48 -4.38
CA VAL A 183 -11.59 -1.60 -3.82
C VAL A 183 -12.94 -1.14 -3.27
N GLY A 184 -12.92 -0.03 -2.55
CA GLY A 184 -14.15 0.51 -1.98
C GLY A 184 -15.25 0.75 -3.00
N ARG A 185 -14.90 1.38 -4.11
CA ARG A 185 -15.88 1.64 -5.16
C ARG A 185 -16.40 0.34 -5.75
N TYR A 186 -15.49 -0.59 -6.04
CA TYR A 186 -15.88 -1.87 -6.62
C TYR A 186 -16.86 -2.59 -5.71
N LEU A 187 -16.58 -2.61 -4.41
CA LEU A 187 -17.45 -3.29 -3.45
C LEU A 187 -18.79 -2.60 -3.25
N LYS A 188 -18.79 -1.28 -3.14
CA LYS A 188 -20.03 -0.56 -2.93
C LYS A 188 -20.98 -0.61 -4.13
N GLU A 189 -20.43 -0.85 -5.32
CA GLU A 189 -21.26 -0.95 -6.52
C GLU A 189 -22.01 -2.27 -6.51
N ARG A 190 -21.52 -3.22 -5.73
CA ARG A 190 -22.13 -4.55 -5.68
C ARG A 190 -22.76 -4.94 -4.34
N ILE A 191 -22.27 -4.34 -3.25
CA ILE A 191 -22.78 -4.66 -1.93
C ILE A 191 -23.36 -3.38 -1.30
N PRO A 192 -24.68 -3.20 -1.41
CA PRO A 192 -25.41 -2.04 -0.87
C PRO A 192 -25.04 -1.63 0.54
N HIS A 193 -24.94 -2.60 1.43
CA HIS A 193 -24.65 -2.33 2.84
C HIS A 193 -23.18 -2.29 3.26
N VAL A 194 -22.27 -2.74 2.41
CA VAL A 194 -20.85 -2.76 2.80
C VAL A 194 -20.32 -1.43 3.32
N LYS A 195 -19.55 -1.50 4.40
CA LYS A 195 -18.96 -0.31 5.00
C LYS A 195 -17.46 -0.25 4.68
N VAL A 196 -16.99 0.92 4.27
CA VAL A 196 -15.57 1.09 3.94
C VAL A 196 -14.93 1.94 5.04
N ILE A 197 -14.04 1.31 5.81
CA ILE A 197 -13.38 1.97 6.92
C ILE A 197 -11.89 2.20 6.69
N ALA A 198 -11.47 3.46 6.78
CA ALA A 198 -10.06 3.80 6.61
C ALA A 198 -9.36 3.68 7.95
N VAL A 199 -8.07 3.36 7.90
CA VAL A 199 -7.27 3.24 9.10
C VAL A 199 -6.09 4.20 8.96
N GLU A 200 -5.77 4.90 10.04
CA GLU A 200 -4.64 5.84 10.00
C GLU A 200 -3.97 5.84 11.35
N PRO A 201 -2.69 6.25 11.40
CA PRO A 201 -1.96 6.30 12.67
C PRO A 201 -2.51 7.41 13.55
N ALA A 202 -2.72 7.11 14.83
CA ALA A 202 -3.22 8.12 15.75
C ALA A 202 -2.19 9.25 15.80
N ARG A 203 -0.92 8.91 15.56
CA ARG A 203 0.16 9.90 15.59
C ARG A 203 0.20 10.80 14.35
N SER A 204 -0.58 10.48 13.33
CA SER A 204 -0.63 11.30 12.12
C SER A 204 -2.07 11.15 11.62
N ASN A 205 -3.00 11.54 12.48
CA ASN A 205 -4.43 11.40 12.24
C ASN A 205 -5.13 12.53 11.48
N VAL A 206 -4.68 12.83 10.27
CA VAL A 206 -5.29 13.90 9.49
C VAL A 206 -6.70 13.61 8.98
N LEU A 207 -7.00 12.34 8.71
CA LEU A 207 -8.34 12.01 8.24
C LEU A 207 -9.37 12.20 9.36
N SER A 208 -8.90 12.10 10.60
CA SER A 208 -9.77 12.25 11.76
C SER A 208 -9.87 13.69 12.22
N GLY A 209 -9.23 14.61 11.49
CA GLY A 209 -9.27 16.00 11.87
C GLY A 209 -8.12 16.37 12.80
N GLY A 210 -7.13 15.49 12.91
CA GLY A 210 -5.99 15.74 13.77
C GLY A 210 -4.82 16.35 13.03
N LYS A 211 -3.60 16.10 13.50
CA LYS A 211 -2.40 16.67 12.88
C LYS A 211 -1.40 15.60 12.44
N MET A 212 -0.62 15.92 11.41
CA MET A 212 0.38 14.99 10.91
C MET A 212 1.47 14.82 11.96
N GLY A 213 2.16 13.69 11.91
CA GLY A 213 3.22 13.42 12.87
C GLY A 213 4.02 12.21 12.46
N GLN A 214 5.17 12.04 13.11
CA GLN A 214 6.05 10.91 12.83
C GLN A 214 5.39 9.66 13.41
N HIS A 215 5.47 8.55 12.70
CA HIS A 215 4.87 7.30 13.19
C HIS A 215 5.62 6.11 12.58
N GLY A 216 5.37 4.92 13.12
CA GLY A 216 6.06 3.74 12.63
C GLY A 216 5.36 2.79 11.67
N PHE A 217 4.18 3.13 11.19
CA PHE A 217 3.47 2.27 10.25
C PHE A 217 3.94 2.55 8.83
N GLN A 218 5.13 2.08 8.50
CA GLN A 218 5.69 2.33 7.17
C GLN A 218 4.75 1.96 6.03
N GLY A 219 4.61 2.89 5.08
CA GLY A 219 3.75 2.63 3.93
C GLY A 219 2.38 3.25 3.98
N MET A 220 1.88 3.58 5.17
CA MET A 220 0.56 4.20 5.31
C MET A 220 0.66 5.48 6.14
N GLY A 221 -0.41 6.26 6.14
CA GLY A 221 -0.43 7.50 6.90
C GLY A 221 0.60 8.50 6.43
N PRO A 222 0.41 9.07 5.23
CA PRO A 222 1.34 10.05 4.65
C PRO A 222 1.33 11.44 5.30
N GLY A 223 0.36 11.70 6.17
CA GLY A 223 0.32 13.00 6.83
C GLY A 223 -0.47 14.06 6.06
N PHE A 224 -1.09 13.65 4.96
CA PHE A 224 -1.92 14.56 4.17
C PHE A 224 -3.00 13.75 3.48
N ILE A 225 -3.98 14.43 2.89
CA ILE A 225 -5.07 13.78 2.20
C ILE A 225 -4.74 13.77 0.71
N PRO A 226 -4.39 12.59 0.17
CA PRO A 226 -4.05 12.47 -1.25
C PRO A 226 -5.24 12.63 -2.20
N GLU A 227 -4.96 13.09 -3.41
CA GLU A 227 -5.99 13.28 -4.40
C GLU A 227 -6.65 11.95 -4.76
N ASN A 228 -5.89 10.85 -4.65
CA ASN A 228 -6.42 9.53 -4.98
C ASN A 228 -7.36 8.94 -3.93
N LEU A 229 -7.54 9.64 -2.81
CA LEU A 229 -8.44 9.15 -1.78
C LEU A 229 -9.81 9.80 -1.90
N ASP A 230 -10.82 8.99 -2.19
CA ASP A 230 -12.19 9.51 -2.32
C ASP A 230 -12.87 9.46 -0.96
N LEU A 231 -12.82 10.58 -0.24
CA LEU A 231 -13.41 10.68 1.09
C LEU A 231 -14.90 10.34 1.14
N SER A 232 -15.61 10.56 0.03
CA SER A 232 -17.05 10.29 -0.01
C SER A 232 -17.40 8.82 0.17
N LEU A 233 -16.42 7.95 -0.05
CA LEU A 233 -16.62 6.50 0.08
C LEU A 233 -16.52 6.01 1.53
N LEU A 234 -15.79 6.76 2.35
CA LEU A 234 -15.56 6.38 3.74
C LEU A 234 -16.75 6.44 4.69
N ASP A 235 -16.93 5.36 5.45
CA ASP A 235 -18.00 5.27 6.44
C ASP A 235 -17.44 5.51 7.83
N GLY A 236 -16.12 5.67 7.91
CA GLY A 236 -15.49 5.89 9.19
C GLY A 236 -13.97 5.84 9.11
N VAL A 237 -13.32 6.25 10.19
CA VAL A 237 -11.86 6.25 10.25
C VAL A 237 -11.43 5.75 11.63
N ILE A 238 -10.55 4.76 11.64
CA ILE A 238 -10.05 4.21 12.90
C ILE A 238 -8.60 4.60 13.08
N GLN A 239 -8.29 5.19 14.23
CA GLN A 239 -6.93 5.60 14.56
C GLN A 239 -6.26 4.45 15.31
N VAL A 240 -5.01 4.16 14.95
CA VAL A 240 -4.30 3.06 15.60
C VAL A 240 -2.96 3.47 16.18
N TRP A 241 -2.59 2.84 17.30
CA TRP A 241 -1.34 3.10 17.98
C TRP A 241 -0.37 1.93 17.82
N GLU A 242 0.90 2.25 17.59
CA GLU A 242 1.91 1.22 17.44
C GLU A 242 1.94 0.34 18.70
N GLU A 243 1.67 0.96 19.85
CA GLU A 243 1.67 0.24 21.12
C GLU A 243 0.70 -0.94 21.11
N ASP A 244 -0.38 -0.81 20.33
CA ASP A 244 -1.39 -1.85 20.25
C ASP A 244 -1.18 -2.77 19.05
N ALA A 245 -0.80 -2.17 17.92
CA ALA A 245 -0.61 -2.89 16.67
C ALA A 245 0.62 -3.79 16.57
N PHE A 246 1.74 -3.36 17.14
CA PHE A 246 2.95 -4.16 17.06
C PHE A 246 2.78 -5.47 17.83
N PRO A 247 2.25 -5.41 19.07
CA PRO A 247 2.09 -6.67 19.80
C PRO A 247 1.16 -7.58 19.00
N LEU A 248 0.15 -7.00 18.36
CA LEU A 248 -0.78 -7.80 17.57
C LEU A 248 -0.10 -8.43 16.36
N ALA A 249 0.79 -7.68 15.73
CA ALA A 249 1.53 -8.20 14.58
C ALA A 249 2.34 -9.41 15.01
N ARG A 250 2.90 -9.35 16.22
CA ARG A 250 3.69 -10.46 16.72
C ARG A 250 2.80 -11.68 17.00
N ARG A 251 1.58 -11.43 17.47
CA ARG A 251 0.63 -12.52 17.73
C ARG A 251 0.25 -13.18 16.41
N LEU A 252 0.03 -12.37 15.39
CA LEU A 252 -0.34 -12.90 14.08
C LEU A 252 0.73 -13.87 13.57
N ALA A 253 1.98 -13.52 13.80
CA ALA A 253 3.09 -14.36 13.36
C ALA A 253 3.17 -15.66 14.15
N ARG A 254 3.13 -15.54 15.49
CA ARG A 254 3.23 -16.69 16.38
C ARG A 254 1.98 -17.58 16.47
N GLU A 255 0.81 -16.99 16.26
CA GLU A 255 -0.45 -17.72 16.37
C GLU A 255 -1.15 -18.08 15.07
N GLU A 256 -0.96 -17.29 14.01
CA GLU A 256 -1.60 -17.57 12.72
C GLU A 256 -0.58 -18.00 11.67
N GLY A 257 0.70 -17.84 11.97
CA GLY A 257 1.72 -18.20 11.00
C GLY A 257 1.76 -17.11 9.94
N LEU A 258 1.26 -15.92 10.29
CA LEU A 258 1.23 -14.79 9.37
C LEU A 258 2.24 -13.72 9.79
N PHE A 259 3.37 -13.73 9.11
CA PHE A 259 4.50 -12.82 9.35
C PHE A 259 4.29 -11.60 8.45
N LEU A 260 3.60 -10.60 8.98
CA LEU A 260 3.28 -9.41 8.19
C LEU A 260 4.03 -8.12 8.54
N GLY A 261 3.82 -7.11 7.72
CA GLY A 261 4.47 -5.83 7.91
C GLY A 261 3.86 -4.94 8.98
N MET A 262 4.51 -3.80 9.20
CA MET A 262 4.07 -2.84 10.20
C MET A 262 2.65 -2.33 9.95
N SER A 263 2.36 -1.91 8.72
CA SER A 263 1.02 -1.42 8.42
C SER A 263 -0.03 -2.52 8.59
N SER A 264 0.34 -3.76 8.32
CA SER A 264 -0.61 -4.87 8.46
C SER A 264 -1.06 -4.98 9.92
N GLY A 265 -0.14 -4.77 10.86
CA GLY A 265 -0.49 -4.83 12.26
C GLY A 265 -1.56 -3.81 12.60
N GLY A 266 -1.40 -2.60 12.09
CA GLY A 266 -2.37 -1.55 12.37
C GLY A 266 -3.71 -1.83 11.72
N ILE A 267 -3.66 -2.29 10.47
CA ILE A 267 -4.86 -2.61 9.70
C ILE A 267 -5.66 -3.75 10.32
N VAL A 268 -4.98 -4.83 10.70
CA VAL A 268 -5.67 -5.96 11.31
C VAL A 268 -6.23 -5.60 12.68
N TRP A 269 -5.50 -4.78 13.44
CA TRP A 269 -5.99 -4.37 14.75
C TRP A 269 -7.32 -3.67 14.57
N ALA A 270 -7.37 -2.77 13.58
CA ALA A 270 -8.58 -2.02 13.28
C ALA A 270 -9.69 -2.97 12.84
N ALA A 271 -9.34 -3.94 12.01
CA ALA A 271 -10.29 -4.91 11.50
C ALA A 271 -10.92 -5.70 12.65
N LEU A 272 -10.14 -5.96 13.69
CA LEU A 272 -10.66 -6.71 14.84
C LEU A 272 -11.70 -5.88 15.59
N GLN A 273 -11.44 -4.58 15.71
CA GLN A 273 -12.36 -3.68 16.39
C GLN A 273 -13.68 -3.65 15.63
N VAL A 274 -13.60 -3.59 14.30
CA VAL A 274 -14.79 -3.58 13.46
C VAL A 274 -15.51 -4.93 13.54
N ALA A 275 -14.73 -6.00 13.60
CA ALA A 275 -15.31 -7.34 13.68
C ALA A 275 -16.11 -7.52 14.96
N ARG A 276 -15.63 -6.95 16.06
CA ARG A 276 -16.34 -7.05 17.33
C ARG A 276 -17.65 -6.26 17.28
N GLU A 277 -17.62 -5.13 16.58
CA GLU A 277 -18.81 -4.29 16.46
C GLU A 277 -19.90 -4.95 15.61
N LEU A 278 -19.49 -5.58 14.52
CA LEU A 278 -20.45 -6.23 13.63
C LEU A 278 -21.02 -7.52 14.22
N GLY A 279 -20.17 -8.32 14.86
CA GLY A 279 -20.66 -9.55 15.47
C GLY A 279 -20.50 -10.80 14.62
N PRO A 280 -20.73 -11.97 15.23
CA PRO A 280 -20.65 -13.35 14.69
C PRO A 280 -21.03 -13.66 13.24
N GLY A 281 -22.26 -13.40 12.84
CA GLY A 281 -22.65 -13.74 11.48
C GLY A 281 -22.12 -12.87 10.36
N LYS A 282 -21.26 -11.91 10.66
CA LYS A 282 -20.75 -11.01 9.63
C LYS A 282 -19.35 -11.34 9.11
N ARG A 283 -18.91 -10.57 8.13
CA ARG A 283 -17.60 -10.78 7.52
C ARG A 283 -16.86 -9.48 7.28
N VAL A 284 -15.66 -9.38 7.85
CA VAL A 284 -14.83 -8.20 7.69
C VAL A 284 -13.63 -8.60 6.84
N ALA A 285 -13.38 -7.82 5.78
CA ALA A 285 -12.26 -8.09 4.91
C ALA A 285 -11.25 -6.96 5.01
N CYS A 286 -9.97 -7.30 5.00
CA CYS A 286 -8.93 -6.29 5.04
C CYS A 286 -7.76 -6.77 4.21
N ILE A 287 -6.77 -5.92 3.99
CA ILE A 287 -5.63 -6.30 3.18
C ILE A 287 -4.31 -6.06 3.89
N SER A 288 -3.40 -7.02 3.77
CA SER A 288 -2.06 -6.93 4.34
C SER A 288 -1.19 -6.41 3.20
N PRO A 289 -0.71 -5.16 3.31
CA PRO A 289 0.12 -4.54 2.27
C PRO A 289 1.41 -5.28 1.93
N ASP A 290 2.11 -5.76 2.96
CA ASP A 290 3.35 -6.51 2.72
C ASP A 290 3.71 -7.42 3.90
N GLY A 291 4.72 -8.26 3.72
CA GLY A 291 5.14 -9.17 4.77
C GLY A 291 6.14 -8.54 5.72
N GLY A 292 6.59 -9.33 6.71
CA GLY A 292 7.54 -8.80 7.67
C GLY A 292 9.00 -8.83 7.24
N TRP A 293 9.29 -9.45 6.10
CA TRP A 293 10.66 -9.59 5.59
C TRP A 293 11.53 -8.35 5.57
N LYS A 294 10.95 -7.18 5.31
CA LYS A 294 11.73 -5.94 5.27
C LYS A 294 11.84 -5.23 6.60
N TYR A 295 11.18 -5.75 7.64
CA TYR A 295 11.21 -5.05 8.92
C TYR A 295 11.85 -5.77 10.10
N LEU A 296 12.81 -6.66 9.83
CA LEU A 296 13.47 -7.39 10.90
C LEU A 296 14.36 -6.47 11.75
N SER A 297 14.73 -5.32 11.20
CA SER A 297 15.58 -4.39 11.91
C SER A 297 14.80 -3.27 12.58
N THR A 298 13.48 -3.44 12.68
CA THR A 298 12.63 -2.43 13.29
C THR A 298 12.16 -2.95 14.65
N PRO A 299 11.59 -2.06 15.49
CA PRO A 299 11.10 -2.47 16.81
C PRO A 299 9.96 -3.48 16.75
N LEU A 300 9.42 -3.71 15.56
CA LEU A 300 8.33 -4.65 15.40
C LEU A 300 8.82 -6.08 15.67
N TYR A 301 9.96 -6.43 15.08
CA TYR A 301 10.52 -7.76 15.23
C TYR A 301 11.95 -7.82 15.80
N ALA A 302 12.56 -6.66 16.03
CA ALA A 302 13.92 -6.63 16.55
C ALA A 302 13.97 -6.93 18.05
#